data_1MEW
#
_entry.id   1MEW
#
_cell.length_a   153.827
_cell.length_b   153.827
_cell.length_c   153.827
_cell.angle_alpha   90.00
_cell.angle_beta   90.00
_cell.angle_gamma   90.00
#
_symmetry.space_group_name_H-M   'P 4 3 2'
#
loop_
_entity.id
_entity.type
_entity.pdbx_description
1 polymer "INOSINE-5'-MONOPHOSPHATE DEHYDROGENASE"
2 non-polymer 'POTASSIUM ION'
3 non-polymer "XANTHOSINE-5'-MONOPHOSPHATE"
4 non-polymer NICOTINAMIDE-ADENINE-DINUCLEOTIDE
5 water water
#
_entity_poly.entity_id   1
_entity_poly.type   'polypeptide(L)'
_entity_poly.pdbx_seq_one_letter_code
;MAKYYNEPCHTFNEYLLIPGLSTVDCIPSNVNLSTPLVKFQKGQQSEINLKIPLVSAIMQSVSGEKMAIALAREGGISFI
FGSQSIESQAAMVHAVKNFKAGFVVSDSNVKPDQTFADVLAISQRTTHNTVAVTDDGTPHGVLLGLVTQRDYPIDLTQTE
TKVSDMMTPFSKLVTAHQDTKLSEANKIIWEKKLNALPIIDDDQHLRYIVFRKDYDRSQVCHNELVDSQKRYLVGAGINT
RDFRERVPALVEAGADVLCIDSSDGFSEWQKITIGWIREKYGDKVKVGAGNIVDGEGFRYLADAGADFIKIGIGGGSICI
TREQKGIGRGQATAVIDVVAERNKYFEETGIYIPVCSDGGIVYDYHMTLALAMGADFIMLGRYFARFEESPTRKVTINGS
VMKEYWGEGSSRARNWQRYDLGGKQKLSFEEGVDSYVPYAGKLKDNVEASLNKVKSTMCNCGALTIPQLQSKAKITLVSS
VSIVEGGAHDVIVKDRINDYHPK
;
_entity_poly.pdbx_strand_id   A
#
# COMPACT_ATOMS: atom_id res chain seq x y z
N ALA A 2 12.34 -5.79 29.73
CA ALA A 2 11.90 -5.68 28.31
C ALA A 2 11.28 -6.98 27.79
N LYS A 3 10.62 -6.89 26.64
CA LYS A 3 9.99 -8.04 26.01
C LYS A 3 10.84 -8.47 24.82
N TYR A 4 11.13 -9.77 24.74
CA TYR A 4 11.92 -10.32 23.65
C TYR A 4 11.07 -11.31 22.87
N TYR A 5 11.59 -11.79 21.75
CA TYR A 5 10.85 -12.74 20.92
C TYR A 5 11.59 -14.06 20.74
N ASN A 6 10.84 -15.11 20.45
CA ASN A 6 11.40 -16.44 20.27
C ASN A 6 12.23 -16.59 18.99
N GLU A 7 11.85 -15.88 17.94
CA GLU A 7 12.56 -15.96 16.66
C GLU A 7 12.93 -14.60 16.11
N PRO A 8 14.02 -14.52 15.33
CA PRO A 8 14.44 -13.24 14.77
C PRO A 8 13.48 -12.93 13.62
N CYS A 9 13.40 -11.65 13.23
CA CYS A 9 12.51 -11.28 12.14
C CYS A 9 13.19 -11.54 10.79
N HIS A 10 12.39 -11.68 9.73
CA HIS A 10 12.90 -11.96 8.39
C HIS A 10 12.32 -11.03 7.33
N THR A 11 13.04 -10.90 6.22
CA THR A 11 12.63 -10.07 5.10
C THR A 11 12.12 -10.96 3.97
N PHE A 12 11.44 -10.35 3.00
CA PHE A 12 10.87 -11.09 1.87
C PHE A 12 11.90 -11.94 1.12
N ASN A 13 13.14 -11.46 1.04
CA ASN A 13 14.23 -12.16 0.37
C ASN A 13 14.54 -13.53 0.98
N GLU A 14 14.04 -13.78 2.19
CA GLU A 14 14.31 -15.04 2.86
C GLU A 14 13.24 -16.11 2.63
N TYR A 15 12.32 -15.86 1.72
CA TYR A 15 11.25 -16.81 1.47
C TYR A 15 11.08 -17.24 0.02
N LEU A 16 10.51 -18.43 -0.16
CA LEU A 16 10.21 -18.96 -1.48
C LEU A 16 8.86 -19.65 -1.35
N LEU A 17 8.16 -19.77 -2.47
CA LEU A 17 6.86 -20.43 -2.49
C LEU A 17 7.03 -21.84 -3.04
N ILE A 18 6.40 -22.81 -2.39
CA ILE A 18 6.45 -24.18 -2.85
C ILE A 18 5.14 -24.42 -3.60
N PRO A 19 5.22 -24.81 -4.88
CA PRO A 19 4.03 -25.06 -5.71
C PRO A 19 2.98 -25.98 -5.10
N GLY A 20 1.72 -25.73 -5.45
CA GLY A 20 0.62 -26.56 -4.99
C GLY A 20 0.04 -27.16 -6.25
N LEU A 21 -1.13 -27.79 -6.18
CA LEU A 21 -1.70 -28.38 -7.38
C LEU A 21 -2.24 -27.33 -8.34
N SER A 22 -1.75 -27.34 -9.56
CA SER A 22 -2.20 -26.41 -10.59
C SER A 22 -3.23 -27.15 -11.44
N THR A 23 -4.49 -26.69 -11.40
CA THR A 23 -5.56 -27.30 -12.18
C THR A 23 -5.56 -26.74 -13.59
N VAL A 24 -6.23 -27.45 -14.51
CA VAL A 24 -6.31 -27.01 -15.90
C VAL A 24 -6.98 -25.65 -16.04
N ASP A 25 -7.79 -25.27 -15.06
CA ASP A 25 -8.46 -23.98 -15.15
C ASP A 25 -7.62 -22.80 -14.66
N CYS A 26 -6.47 -23.05 -14.04
CA CYS A 26 -5.67 -21.90 -13.61
C CYS A 26 -4.68 -21.45 -14.65
N ILE A 27 -5.11 -20.49 -15.45
CA ILE A 27 -4.27 -19.89 -16.45
C ILE A 27 -4.25 -18.44 -16.00
N PRO A 28 -3.14 -17.73 -16.27
CA PRO A 28 -2.98 -16.33 -15.90
C PRO A 28 -4.16 -15.41 -16.22
N SER A 29 -4.73 -15.55 -17.41
CA SER A 29 -5.84 -14.71 -17.83
C SER A 29 -7.11 -14.91 -17.01
N ASN A 30 -7.18 -16.00 -16.26
CA ASN A 30 -8.36 -16.26 -15.44
C ASN A 30 -8.13 -15.87 -13.98
N VAL A 31 -6.96 -15.32 -13.68
CA VAL A 31 -6.66 -14.91 -12.32
C VAL A 31 -7.28 -13.56 -12.00
N ASN A 32 -8.01 -13.52 -10.89
CA ASN A 32 -8.69 -12.30 -10.44
C ASN A 32 -7.84 -11.67 -9.34
N LEU A 33 -7.34 -10.47 -9.60
CA LEU A 33 -6.48 -9.75 -8.66
C LEU A 33 -7.22 -8.69 -7.83
N SER A 34 -8.54 -8.79 -7.79
CA SER A 34 -9.37 -7.85 -7.03
C SER A 34 -9.06 -8.00 -5.53
N THR A 35 -9.20 -6.92 -4.78
CA THR A 35 -8.92 -6.99 -3.34
C THR A 35 -9.61 -5.85 -2.60
N PRO A 36 -10.02 -6.10 -1.35
CA PRO A 36 -10.70 -5.06 -0.56
C PRO A 36 -9.76 -3.97 -0.04
N LEU A 37 -10.23 -2.72 -0.09
CA LEU A 37 -9.41 -1.61 0.39
C LEU A 37 -9.82 -1.17 1.79
N VAL A 38 -11.13 -1.19 2.08
CA VAL A 38 -11.61 -0.75 3.39
C VAL A 38 -12.42 -1.81 4.13
N LYS A 39 -12.42 -1.72 5.46
CA LYS A 39 -13.09 -2.70 6.31
C LYS A 39 -14.58 -2.89 6.09
N PHE A 40 -15.04 -4.11 6.38
CA PHE A 40 -16.43 -4.50 6.26
C PHE A 40 -16.71 -5.61 7.28
N GLN A 41 -17.99 -5.94 7.49
CA GLN A 41 -18.39 -6.98 8.44
C GLN A 41 -18.43 -8.34 7.75
N LYS A 42 -18.41 -9.42 8.52
CA LYS A 42 -18.46 -10.75 7.93
C LYS A 42 -19.70 -10.93 7.08
N GLY A 43 -19.52 -11.54 5.91
CA GLY A 43 -20.65 -11.76 5.02
C GLY A 43 -20.83 -10.71 3.95
N GLN A 44 -20.26 -9.51 4.16
CA GLN A 44 -20.40 -8.47 3.15
C GLN A 44 -19.15 -8.26 2.31
N GLN A 45 -19.24 -7.31 1.38
CA GLN A 45 -18.13 -6.97 0.49
C GLN A 45 -17.63 -5.60 0.90
N SER A 46 -16.39 -5.29 0.54
CA SER A 46 -15.83 -3.99 0.86
C SER A 46 -16.45 -2.97 -0.07
N GLU A 47 -16.72 -1.77 0.45
CA GLU A 47 -17.29 -0.71 -0.36
C GLU A 47 -16.34 -0.30 -1.47
N ILE A 48 -15.04 -0.50 -1.24
CA ILE A 48 -14.04 -0.16 -2.26
C ILE A 48 -13.11 -1.34 -2.49
N ASN A 49 -13.06 -1.81 -3.73
CA ASN A 49 -12.22 -2.92 -4.11
C ASN A 49 -11.29 -2.49 -5.24
N LEU A 50 -10.00 -2.73 -5.07
CA LEU A 50 -9.02 -2.39 -6.09
C LEU A 50 -9.12 -3.48 -7.16
N LYS A 51 -8.79 -3.15 -8.39
CA LYS A 51 -8.80 -4.14 -9.48
C LYS A 51 -7.49 -4.91 -9.42
N ILE A 52 -6.44 -4.24 -8.93
CA ILE A 52 -5.12 -4.85 -8.76
C ILE A 52 -4.65 -4.43 -7.36
N PRO A 53 -3.91 -5.30 -6.67
CA PRO A 53 -3.42 -5.01 -5.32
C PRO A 53 -2.21 -4.07 -5.16
N LEU A 54 -2.14 -3.03 -5.99
CA LEU A 54 -1.02 -2.10 -5.90
C LEU A 54 -1.47 -0.66 -5.69
N VAL A 55 -0.83 0.02 -4.74
CA VAL A 55 -1.12 1.42 -4.47
C VAL A 55 0.22 2.14 -4.39
N SER A 56 0.28 3.37 -4.91
CA SER A 56 1.53 4.13 -4.88
C SER A 56 1.69 4.87 -3.55
N ALA A 57 2.93 4.93 -3.08
CA ALA A 57 3.28 5.57 -1.81
C ALA A 57 2.92 7.05 -1.65
N ILE A 58 2.66 7.44 -0.41
CA ILE A 58 2.31 8.81 -0.07
C ILE A 58 3.59 9.64 -0.05
N MET A 59 4.15 9.87 -1.22
CA MET A 59 5.42 10.58 -1.35
C MET A 59 5.44 11.61 -2.48
N GLN A 60 6.14 12.72 -2.23
CA GLN A 60 6.26 13.81 -3.19
C GLN A 60 6.85 13.34 -4.51
N SER A 61 7.77 12.39 -4.43
CA SER A 61 8.44 11.88 -5.62
C SER A 61 7.74 10.74 -6.35
N VAL A 62 6.51 10.40 -5.96
CA VAL A 62 5.83 9.32 -6.64
C VAL A 62 4.34 9.52 -6.91
N SER A 63 3.58 9.93 -5.91
CA SER A 63 2.14 10.07 -6.10
C SER A 63 1.62 11.46 -6.45
N GLY A 64 1.77 11.82 -7.72
CA GLY A 64 1.28 13.09 -8.22
C GLY A 64 0.02 12.81 -9.02
N GLU A 65 -0.47 13.81 -9.77
CA GLU A 65 -1.67 13.66 -10.58
C GLU A 65 -1.56 12.59 -11.66
N LYS A 66 -0.52 12.70 -12.48
CA LYS A 66 -0.33 11.75 -13.57
C LYS A 66 -0.21 10.32 -13.06
N MET A 67 0.48 10.15 -11.92
CA MET A 67 0.62 8.83 -11.33
C MET A 67 -0.75 8.31 -10.93
N ALA A 68 -1.50 9.12 -10.19
CA ALA A 68 -2.83 8.74 -9.73
C ALA A 68 -3.72 8.30 -10.88
N ILE A 69 -3.66 9.04 -11.99
CA ILE A 69 -4.46 8.72 -13.16
C ILE A 69 -3.98 7.44 -13.83
N ALA A 70 -2.68 7.34 -14.06
CA ALA A 70 -2.08 6.18 -14.70
C ALA A 70 -2.32 4.89 -13.91
N LEU A 71 -2.21 4.96 -12.59
CA LEU A 71 -2.39 3.77 -11.77
C LEU A 71 -3.87 3.39 -11.70
N ALA A 72 -4.73 4.39 -11.54
CA ALA A 72 -6.17 4.13 -11.48
C ALA A 72 -6.62 3.45 -12.77
N ARG A 73 -6.03 3.85 -13.90
CA ARG A 73 -6.38 3.27 -15.19
C ARG A 73 -6.09 1.77 -15.22
N GLU A 74 -5.09 1.35 -14.45
CA GLU A 74 -4.71 -0.06 -14.40
C GLU A 74 -5.45 -0.83 -13.31
N GLY A 75 -6.23 -0.13 -12.49
CA GLY A 75 -6.98 -0.80 -11.44
C GLY A 75 -6.52 -0.55 -10.01
N GLY A 76 -5.43 0.19 -9.86
CA GLY A 76 -4.93 0.48 -8.53
C GLY A 76 -5.32 1.89 -8.10
N ILE A 77 -4.71 2.39 -7.03
CA ILE A 77 -5.01 3.73 -6.54
C ILE A 77 -3.76 4.39 -5.97
N SER A 78 -3.67 5.71 -6.13
CA SER A 78 -2.53 6.46 -5.61
C SER A 78 -2.98 7.31 -4.43
N PHE A 79 -2.05 7.59 -3.53
CA PHE A 79 -2.36 8.44 -2.39
C PHE A 79 -1.57 9.74 -2.55
N ILE A 80 -2.21 10.75 -3.13
CA ILE A 80 -1.55 12.04 -3.33
C ILE A 80 -0.86 12.47 -2.05
N PHE A 81 0.43 12.77 -2.14
CA PHE A 81 1.19 13.15 -0.96
C PHE A 81 0.59 14.35 -0.23
N GLY A 82 0.63 14.28 1.10
CA GLY A 82 0.09 15.35 1.91
C GLY A 82 1.15 16.32 2.39
N SER A 83 2.40 16.06 2.01
CA SER A 83 3.52 16.93 2.39
C SER A 83 3.57 18.12 1.43
N GLN A 84 2.48 18.88 1.42
CA GLN A 84 2.34 20.07 0.59
C GLN A 84 1.16 20.81 1.20
N SER A 85 0.89 22.03 0.73
CA SER A 85 -0.21 22.81 1.27
C SER A 85 -1.55 22.11 1.08
N ILE A 86 -2.49 22.39 1.98
CA ILE A 86 -3.82 21.81 1.90
C ILE A 86 -4.44 22.15 0.55
N GLU A 87 -4.23 23.39 0.10
CA GLU A 87 -4.79 23.85 -1.17
C GLU A 87 -4.20 23.12 -2.37
N SER A 88 -2.89 22.89 -2.37
CA SER A 88 -2.22 22.19 -3.46
C SER A 88 -2.66 20.74 -3.56
N GLN A 89 -2.70 20.05 -2.42
CA GLN A 89 -3.09 18.64 -2.41
C GLN A 89 -4.54 18.50 -2.87
N ALA A 90 -5.42 19.33 -2.34
CA ALA A 90 -6.83 19.30 -2.70
C ALA A 90 -6.99 19.55 -4.20
N ALA A 91 -6.17 20.44 -4.75
CA ALA A 91 -6.22 20.75 -6.17
C ALA A 91 -5.84 19.54 -7.01
N MET A 92 -4.82 18.82 -6.56
CA MET A 92 -4.39 17.62 -7.27
C MET A 92 -5.49 16.57 -7.25
N VAL A 93 -6.11 16.41 -6.08
CA VAL A 93 -7.20 15.45 -5.92
C VAL A 93 -8.33 15.81 -6.87
N HIS A 94 -8.69 17.09 -6.86
CA HIS A 94 -9.77 17.59 -7.71
C HIS A 94 -9.45 17.32 -9.18
N ALA A 95 -8.22 17.59 -9.58
CA ALA A 95 -7.79 17.37 -10.96
C ALA A 95 -7.97 15.93 -11.41
N VAL A 96 -7.67 14.98 -10.52
CA VAL A 96 -7.81 13.57 -10.85
C VAL A 96 -9.29 13.20 -10.96
N LYS A 97 -10.09 13.73 -10.05
CA LYS A 97 -11.53 13.45 -10.05
C LYS A 97 -12.27 14.02 -11.26
N ASN A 98 -11.76 15.10 -11.82
CA ASN A 98 -12.39 15.74 -12.98
C ASN A 98 -11.63 15.57 -14.29
N PHE A 99 -10.65 14.67 -14.30
CA PHE A 99 -9.85 14.45 -15.50
C PHE A 99 -10.63 14.06 -16.75
N LYS A 100 -11.64 13.20 -16.59
CA LYS A 100 -12.43 12.74 -17.73
C LYS A 100 -13.56 13.67 -18.16
N ALA A 101 -13.36 14.98 -17.97
CA ALA A 101 -14.36 15.97 -18.34
C ALA A 101 -13.94 16.71 -19.61
N HIS A 222 -10.48 -1.31 -19.39
CA HIS A 222 -11.47 -2.26 -18.85
C HIS A 222 -11.24 -2.52 -17.37
N ASN A 223 -10.01 -2.29 -16.90
CA ASN A 223 -9.69 -2.50 -15.50
C ASN A 223 -9.45 -1.20 -14.74
N GLU A 224 -10.02 -0.10 -15.24
CA GLU A 224 -9.85 1.18 -14.56
C GLU A 224 -10.65 1.18 -13.27
N LEU A 225 -10.07 1.78 -12.23
CA LEU A 225 -10.72 1.88 -10.94
C LEU A 225 -11.46 3.21 -10.88
N VAL A 226 -12.79 3.15 -10.87
CA VAL A 226 -13.61 4.36 -10.85
C VAL A 226 -14.79 4.29 -9.87
N ASP A 227 -15.42 5.43 -9.63
CA ASP A 227 -16.58 5.50 -8.76
C ASP A 227 -17.85 5.36 -9.60
N SER A 228 -19.00 5.53 -8.96
CA SER A 228 -20.30 5.40 -9.63
C SER A 228 -20.50 6.43 -10.75
N GLN A 229 -19.74 7.51 -10.72
CA GLN A 229 -19.82 8.56 -11.73
C GLN A 229 -18.76 8.35 -12.80
N LYS A 230 -18.09 7.20 -12.76
CA LYS A 230 -17.04 6.85 -13.73
C LYS A 230 -15.78 7.69 -13.61
N ARG A 231 -15.57 8.33 -12.47
CA ARG A 231 -14.38 9.13 -12.26
C ARG A 231 -13.31 8.25 -11.61
N TYR A 232 -12.05 8.46 -11.96
CA TYR A 232 -10.97 7.68 -11.40
C TYR A 232 -10.92 7.82 -9.88
N LEU A 233 -10.62 6.73 -9.20
CA LEU A 233 -10.51 6.77 -7.74
C LEU A 233 -9.17 7.36 -7.39
N VAL A 234 -9.10 8.04 -6.24
CA VAL A 234 -7.83 8.62 -5.82
C VAL A 234 -7.82 8.74 -4.30
N GLY A 235 -6.64 8.56 -3.73
CA GLY A 235 -6.50 8.65 -2.29
C GLY A 235 -5.66 9.87 -1.94
N ALA A 236 -5.62 10.19 -0.65
CA ALA A 236 -4.84 11.34 -0.21
C ALA A 236 -4.29 11.11 1.19
N GLY A 237 -3.01 11.42 1.37
CA GLY A 237 -2.40 11.24 2.67
C GLY A 237 -2.68 12.44 3.56
N ILE A 238 -2.80 12.19 4.86
CA ILE A 238 -3.04 13.26 5.82
C ILE A 238 -2.12 13.07 7.01
N ASN A 239 -1.94 14.13 7.79
CA ASN A 239 -1.09 14.05 8.96
C ASN A 239 -1.93 14.26 10.20
N THR A 240 -1.38 13.91 11.37
CA THR A 240 -2.09 14.03 12.62
C THR A 240 -2.04 15.45 13.22
N ARG A 241 -1.62 16.44 12.42
CA ARG A 241 -1.54 17.81 12.91
C ARG A 241 -2.59 18.77 12.37
N ASP A 242 -2.63 18.98 11.06
CA ASP A 242 -3.60 19.91 10.48
C ASP A 242 -4.84 19.29 9.82
N PHE A 243 -5.21 18.09 10.25
CA PHE A 243 -6.35 17.38 9.68
C PHE A 243 -7.72 18.05 9.77
N ARG A 244 -7.94 18.87 10.80
CA ARG A 244 -9.21 19.55 10.96
C ARG A 244 -9.48 20.48 9.78
N GLU A 245 -8.42 20.91 9.11
CA GLU A 245 -8.56 21.78 7.95
C GLU A 245 -8.30 21.01 6.65
N ARG A 246 -7.30 20.13 6.67
CA ARG A 246 -6.96 19.36 5.48
C ARG A 246 -8.03 18.36 5.06
N VAL A 247 -8.56 17.61 6.01
CA VAL A 247 -9.58 16.62 5.71
C VAL A 247 -10.80 17.19 4.97
N PRO A 248 -11.48 18.20 5.55
CA PRO A 248 -12.65 18.79 4.89
C PRO A 248 -12.33 19.22 3.45
N ALA A 249 -11.14 19.79 3.26
CA ALA A 249 -10.72 20.24 1.94
C ALA A 249 -10.57 19.04 1.02
N LEU A 250 -10.03 17.94 1.55
CA LEU A 250 -9.85 16.73 0.76
C LEU A 250 -11.19 16.08 0.44
N VAL A 251 -12.11 16.08 1.39
CA VAL A 251 -13.42 15.48 1.15
C VAL A 251 -14.15 16.30 0.10
N GLU A 252 -14.13 17.62 0.24
CA GLU A 252 -14.78 18.50 -0.72
C GLU A 252 -14.18 18.34 -2.12
N ALA A 253 -12.87 18.12 -2.17
CA ALA A 253 -12.18 17.95 -3.45
C ALA A 253 -12.53 16.62 -4.12
N GLY A 254 -13.18 15.71 -3.38
CA GLY A 254 -13.57 14.44 -3.96
C GLY A 254 -12.72 13.23 -3.63
N ALA A 255 -11.77 13.38 -2.69
CA ALA A 255 -10.91 12.26 -2.31
C ALA A 255 -11.78 11.06 -1.93
N ASP A 256 -11.49 9.91 -2.52
CA ASP A 256 -12.25 8.70 -2.26
C ASP A 256 -11.86 7.99 -0.96
N VAL A 257 -10.61 8.18 -0.56
CA VAL A 257 -10.12 7.56 0.66
C VAL A 257 -8.93 8.36 1.17
N LEU A 258 -8.72 8.33 2.47
CA LEU A 258 -7.61 9.04 3.08
C LEU A 258 -6.72 8.04 3.79
N CYS A 259 -5.52 8.46 4.14
CA CYS A 259 -4.60 7.60 4.87
C CYS A 259 -3.62 8.45 5.66
N ILE A 260 -3.61 8.24 6.97
CA ILE A 260 -2.69 8.97 7.83
C ILE A 260 -1.30 8.48 7.47
N ASP A 261 -0.44 9.42 7.11
CA ASP A 261 0.92 9.12 6.70
C ASP A 261 1.92 9.29 7.85
N SER A 262 2.42 8.18 8.37
CA SER A 262 3.39 8.22 9.48
C SER A 262 4.22 6.96 9.55
N SER A 263 5.43 7.06 10.12
CA SER A 263 6.29 5.90 10.25
C SER A 263 5.87 5.05 11.45
N ASP A 264 5.56 5.71 12.55
CA ASP A 264 5.11 5.01 13.76
C ASP A 264 3.65 5.37 14.05
N GLY A 265 2.75 4.55 13.53
CA GLY A 265 1.32 4.79 13.71
C GLY A 265 0.75 4.33 15.04
N PHE A 266 1.58 3.69 15.86
CA PHE A 266 1.15 3.22 17.16
C PHE A 266 1.24 4.47 18.05
N SER A 267 0.35 5.42 17.76
CA SER A 267 0.33 6.71 18.44
C SER A 267 -1.07 7.18 18.78
N GLU A 268 -1.18 7.88 19.91
CA GLU A 268 -2.45 8.40 20.35
C GLU A 268 -2.89 9.49 19.36
N TRP A 269 -1.93 10.15 18.72
CA TRP A 269 -2.24 11.20 17.76
C TRP A 269 -3.09 10.63 16.61
N GLN A 270 -2.80 9.40 16.19
CA GLN A 270 -3.57 8.79 15.13
C GLN A 270 -4.96 8.41 15.63
N LYS A 271 -5.05 7.95 16.87
CA LYS A 271 -6.34 7.60 17.43
C LYS A 271 -7.21 8.86 17.45
N ILE A 272 -6.60 9.97 17.85
CA ILE A 272 -7.28 11.25 17.92
C ILE A 272 -7.75 11.70 16.54
N THR A 273 -6.90 11.53 15.54
CA THR A 273 -7.25 11.92 14.18
C THR A 273 -8.42 11.09 13.63
N ILE A 274 -8.36 9.77 13.80
CA ILE A 274 -9.44 8.91 13.33
C ILE A 274 -10.74 9.26 14.08
N GLY A 275 -10.60 9.49 15.39
CA GLY A 275 -11.76 9.83 16.20
C GLY A 275 -12.45 11.09 15.72
N TRP A 276 -11.66 12.08 15.32
CA TRP A 276 -12.22 13.34 14.85
C TRP A 276 -12.97 13.09 13.54
N ILE A 277 -12.40 12.26 12.68
CA ILE A 277 -13.03 11.95 11.40
C ILE A 277 -14.37 11.23 11.60
N ARG A 278 -14.40 10.30 12.56
CA ARG A 278 -15.63 9.57 12.84
C ARG A 278 -16.70 10.50 13.40
N GLU A 279 -16.31 11.35 14.33
CA GLU A 279 -17.22 12.30 14.95
C GLU A 279 -17.85 13.26 13.95
N LYS A 280 -17.10 13.65 12.92
CA LYS A 280 -17.63 14.57 11.93
C LYS A 280 -18.25 13.92 10.69
N TYR A 281 -17.78 12.73 10.32
CA TYR A 281 -18.27 12.08 9.12
C TYR A 281 -18.81 10.66 9.31
N GLY A 282 -18.71 10.14 10.52
CA GLY A 282 -19.16 8.77 10.74
C GLY A 282 -18.30 7.86 9.88
N ASP A 283 -18.90 6.79 9.34
CA ASP A 283 -18.18 5.86 8.50
C ASP A 283 -18.28 6.21 7.01
N LYS A 284 -18.69 7.43 6.72
CA LYS A 284 -18.83 7.88 5.33
C LYS A 284 -17.49 8.29 4.72
N VAL A 285 -16.52 8.60 5.57
CA VAL A 285 -15.20 8.99 5.09
C VAL A 285 -14.24 7.87 5.53
N LYS A 286 -13.58 7.25 4.56
CA LYS A 286 -12.65 6.15 4.82
C LYS A 286 -11.25 6.65 5.10
N VAL A 287 -10.61 6.09 6.14
CA VAL A 287 -9.27 6.51 6.51
C VAL A 287 -8.37 5.36 6.95
N GLY A 288 -7.26 5.19 6.24
CA GLY A 288 -6.29 4.15 6.59
C GLY A 288 -5.34 4.72 7.63
N ALA A 289 -4.70 3.84 8.39
CA ALA A 289 -3.76 4.27 9.43
C ALA A 289 -2.51 3.41 9.44
N GLY A 290 -1.48 3.88 10.13
CA GLY A 290 -0.22 3.14 10.21
C GLY A 290 0.94 4.11 10.32
N ASN A 291 2.17 3.60 10.30
CA ASN A 291 2.45 2.17 10.16
C ASN A 291 2.69 1.44 11.46
N ILE A 292 2.39 0.14 11.46
CA ILE A 292 2.62 -0.72 12.62
C ILE A 292 3.29 -2.00 12.10
N VAL A 293 3.89 -2.77 13.00
CA VAL A 293 4.59 -4.00 12.62
C VAL A 293 4.27 -5.20 13.50
N ASP A 294 3.32 -5.05 14.42
CA ASP A 294 2.94 -6.16 15.29
C ASP A 294 1.45 -6.18 15.60
N GLY A 295 1.00 -7.23 16.27
CA GLY A 295 -0.40 -7.36 16.62
C GLY A 295 -0.93 -6.24 17.51
N GLU A 296 -0.13 -5.82 18.48
CA GLU A 296 -0.54 -4.75 19.39
C GLU A 296 -0.83 -3.47 18.64
N GLY A 297 0.05 -3.11 17.71
CA GLY A 297 -0.13 -1.89 16.94
C GLY A 297 -1.36 -1.98 16.05
N PHE A 298 -1.59 -3.15 15.46
CA PHE A 298 -2.76 -3.39 14.61
C PHE A 298 -4.02 -3.21 15.44
N ARG A 299 -4.06 -3.91 16.57
CA ARG A 299 -5.17 -3.90 17.51
C ARG A 299 -5.55 -2.49 17.94
N TYR A 300 -4.53 -1.69 18.24
CA TYR A 300 -4.76 -0.32 18.66
C TYR A 300 -5.43 0.52 17.57
N LEU A 301 -4.96 0.39 16.33
CA LEU A 301 -5.53 1.16 15.24
C LEU A 301 -6.88 0.61 14.81
N ALA A 302 -7.10 -0.68 15.00
CA ALA A 302 -8.37 -1.30 14.67
C ALA A 302 -9.43 -0.76 15.62
N ASP A 303 -9.15 -0.78 16.92
CA ASP A 303 -10.08 -0.28 17.92
C ASP A 303 -10.32 1.21 17.73
N ALA A 304 -9.30 1.94 17.27
CA ALA A 304 -9.43 3.37 17.03
C ALA A 304 -10.37 3.64 15.85
N GLY A 305 -10.59 2.63 15.01
CA GLY A 305 -11.49 2.80 13.88
C GLY A 305 -10.93 2.85 12.47
N ALA A 306 -9.65 2.54 12.31
CA ALA A 306 -9.04 2.56 10.99
C ALA A 306 -9.79 1.66 9.99
N ASP A 307 -9.89 2.12 8.74
CA ASP A 307 -10.56 1.35 7.68
C ASP A 307 -9.60 0.32 7.07
N PHE A 308 -8.31 0.60 7.16
CA PHE A 308 -7.27 -0.32 6.70
C PHE A 308 -6.00 0.07 7.43
N ILE A 309 -5.18 -0.91 7.75
CA ILE A 309 -3.96 -0.66 8.50
C ILE A 309 -2.72 -0.97 7.67
N LYS A 310 -1.81 0.00 7.64
CA LYS A 310 -0.57 -0.11 6.87
C LYS A 310 0.57 -0.71 7.70
N ILE A 311 1.24 -1.70 7.10
CA ILE A 311 2.33 -2.41 7.77
C ILE A 311 3.73 -2.08 7.24
N GLY A 312 4.64 -1.76 8.14
CA GLY A 312 5.99 -1.50 7.69
C GLY A 312 6.77 -0.35 8.29
N ILE A 313 7.86 -0.71 8.96
CA ILE A 313 8.78 0.26 9.56
C ILE A 313 10.18 -0.31 9.34
N GLY A 314 10.98 0.39 8.54
CA GLY A 314 12.32 -0.10 8.27
C GLY A 314 12.28 -1.20 7.25
N GLY A 315 11.96 -0.82 6.01
CA GLY A 315 11.88 -1.77 4.92
C GLY A 315 12.09 -1.08 3.58
N GLY A 316 11.55 0.13 3.46
CA GLY A 316 11.69 0.88 2.21
C GLY A 316 13.12 0.98 1.68
N SER A 317 13.24 1.38 0.42
CA SER A 317 14.54 1.52 -0.24
C SER A 317 15.60 2.15 0.67
N ARG A 322 15.81 2.10 9.84
CA ARG A 322 16.06 1.28 11.02
C ARG A 322 17.52 1.33 11.44
N GLU A 323 18.38 1.69 10.49
CA GLU A 323 19.81 1.79 10.77
C GLU A 323 20.15 3.25 11.09
N GLN A 324 19.22 3.93 11.74
CA GLN A 324 19.40 5.32 12.13
C GLN A 324 18.67 5.61 13.44
N LYS A 325 17.47 5.04 13.60
CA LYS A 325 16.70 5.24 14.81
C LYS A 325 16.63 3.93 15.59
N GLY A 326 16.83 2.83 14.88
CA GLY A 326 16.82 1.53 15.52
C GLY A 326 15.47 0.88 15.71
N ILE A 327 14.43 1.40 15.06
CA ILE A 327 13.10 0.82 15.18
C ILE A 327 12.71 0.14 13.87
N GLY A 328 11.97 -0.95 13.97
CA GLY A 328 11.55 -1.64 12.76
C GLY A 328 11.42 -3.13 12.94
N ARG A 329 11.17 -3.82 11.83
CA ARG A 329 11.01 -5.26 11.83
C ARG A 329 11.03 -5.76 10.40
N GLY A 330 11.61 -6.93 10.17
CA GLY A 330 11.63 -7.48 8.83
C GLY A 330 10.21 -7.43 8.30
N GLN A 331 10.04 -6.99 7.06
CA GLN A 331 8.71 -6.85 6.48
C GLN A 331 7.90 -8.14 6.48
N ALA A 332 8.52 -9.27 6.15
CA ALA A 332 7.82 -10.55 6.13
C ALA A 332 7.24 -10.90 7.51
N THR A 333 8.06 -10.79 8.54
CA THR A 333 7.62 -11.09 9.89
C THR A 333 6.51 -10.14 10.30
N ALA A 334 6.68 -8.87 9.93
CA ALA A 334 5.69 -7.85 10.25
C ALA A 334 4.33 -8.21 9.64
N VAL A 335 4.32 -8.52 8.35
CA VAL A 335 3.08 -8.88 7.66
C VAL A 335 2.46 -10.13 8.27
N ILE A 336 3.26 -11.19 8.42
CA ILE A 336 2.77 -12.44 8.98
C ILE A 336 2.14 -12.26 10.36
N ASP A 337 2.81 -11.52 11.24
CA ASP A 337 2.28 -11.31 12.59
C ASP A 337 1.05 -10.41 12.63
N VAL A 338 1.05 -9.34 11.83
CA VAL A 338 -0.10 -8.45 11.80
C VAL A 338 -1.31 -9.17 11.23
N VAL A 339 -1.09 -9.97 10.18
CA VAL A 339 -2.17 -10.72 9.54
C VAL A 339 -2.81 -11.72 10.51
N ALA A 340 -2.00 -12.36 11.35
CA ALA A 340 -2.54 -13.32 12.31
C ALA A 340 -3.43 -12.60 13.32
N GLU A 341 -3.03 -11.40 13.70
CA GLU A 341 -3.80 -10.60 14.65
C GLU A 341 -5.08 -10.12 13.98
N ARG A 342 -4.97 -9.73 12.71
CA ARG A 342 -6.12 -9.25 11.93
C ARG A 342 -7.15 -10.36 11.81
N ASN A 343 -6.68 -11.59 11.62
CA ASN A 343 -7.58 -12.73 11.49
C ASN A 343 -8.21 -13.05 12.85
N LYS A 344 -7.43 -12.92 13.91
CA LYS A 344 -7.93 -13.17 15.25
C LYS A 344 -9.00 -12.11 15.54
N TYR A 345 -8.70 -10.88 15.17
CA TYR A 345 -9.61 -9.76 15.37
C TYR A 345 -10.92 -9.99 14.61
N PHE A 346 -10.82 -10.51 13.39
CA PHE A 346 -12.00 -10.78 12.58
C PHE A 346 -12.89 -11.83 13.25
N GLU A 347 -12.28 -12.86 13.80
CA GLU A 347 -13.02 -13.92 14.47
C GLU A 347 -13.70 -13.42 15.75
N GLU A 348 -13.10 -12.42 16.40
CA GLU A 348 -13.68 -11.90 17.64
C GLU A 348 -14.78 -10.86 17.43
N THR A 349 -14.63 -10.03 16.40
CA THR A 349 -15.57 -8.95 16.15
C THR A 349 -16.41 -9.04 14.88
N GLY A 350 -16.03 -9.91 13.95
CA GLY A 350 -16.78 -10.02 12.71
C GLY A 350 -16.36 -8.92 11.74
N ILE A 351 -15.35 -8.15 12.13
CA ILE A 351 -14.86 -7.05 11.30
C ILE A 351 -13.56 -7.44 10.60
N TYR A 352 -13.57 -7.38 9.26
CA TYR A 352 -12.38 -7.70 8.49
C TYR A 352 -11.73 -6.39 8.08
N ILE A 353 -10.52 -6.16 8.57
CA ILE A 353 -9.78 -4.94 8.24
C ILE A 353 -8.67 -5.25 7.26
N PRO A 354 -8.73 -4.68 6.04
CA PRO A 354 -7.68 -4.93 5.07
C PRO A 354 -6.35 -4.38 5.57
N VAL A 355 -5.25 -5.06 5.27
CA VAL A 355 -3.95 -4.58 5.69
C VAL A 355 -3.07 -4.36 4.46
N CYS A 356 -2.20 -3.37 4.54
CA CYS A 356 -1.34 -3.02 3.45
C CYS A 356 0.14 -3.25 3.77
N SER A 357 0.82 -4.04 2.93
CA SER A 357 2.25 -4.26 3.12
C SER A 357 2.91 -3.06 2.45
N ASP A 358 3.51 -2.20 3.27
CA ASP A 358 4.15 -0.98 2.77
C ASP A 358 5.68 -1.01 2.83
N GLY A 359 6.30 -1.05 1.64
CA GLY A 359 7.74 -1.05 1.56
C GLY A 359 8.41 -2.41 1.63
N GLY A 360 9.70 -2.44 1.32
CA GLY A 360 10.44 -3.68 1.37
C GLY A 360 10.29 -4.59 0.16
N ILE A 361 9.68 -4.08 -0.90
CA ILE A 361 9.52 -4.89 -2.10
C ILE A 361 10.58 -4.54 -3.13
N VAL A 362 11.55 -5.44 -3.29
CA VAL A 362 12.65 -5.26 -4.22
C VAL A 362 12.36 -5.89 -5.58
N TYR A 363 11.85 -7.12 -5.58
CA TYR A 363 11.55 -7.83 -6.81
C TYR A 363 10.07 -8.16 -6.96
N ASP A 364 9.63 -8.40 -8.19
CA ASP A 364 8.23 -8.72 -8.44
C ASP A 364 7.70 -9.86 -7.58
N TYR A 365 8.49 -10.92 -7.43
CA TYR A 365 8.02 -12.06 -6.64
C TYR A 365 7.78 -11.72 -5.17
N HIS A 366 8.32 -10.60 -4.72
CA HIS A 366 8.09 -10.16 -3.34
C HIS A 366 6.61 -9.76 -3.21
N MET A 367 6.00 -9.37 -4.32
CA MET A 367 4.59 -8.99 -4.33
C MET A 367 3.75 -10.21 -4.01
N THR A 368 4.04 -11.30 -4.72
CA THR A 368 3.31 -12.54 -4.53
C THR A 368 3.48 -13.01 -3.09
N LEU A 369 4.69 -12.91 -2.56
CA LEU A 369 4.96 -13.30 -1.18
C LEU A 369 4.13 -12.47 -0.21
N ALA A 370 4.16 -11.15 -0.37
CA ALA A 370 3.41 -10.24 0.49
C ALA A 370 1.92 -10.61 0.50
N LEU A 371 1.38 -10.87 -0.68
CA LEU A 371 -0.03 -11.23 -0.79
C LEU A 371 -0.27 -12.61 -0.16
N ALA A 372 0.61 -13.57 -0.43
CA ALA A 372 0.45 -14.91 0.10
C ALA A 372 0.51 -14.92 1.62
N MET A 373 1.30 -14.02 2.20
CA MET A 373 1.42 -13.93 3.64
C MET A 373 0.22 -13.26 4.32
N GLY A 374 -0.72 -12.75 3.53
CA GLY A 374 -1.90 -12.14 4.12
C GLY A 374 -2.24 -10.70 3.76
N ALA A 375 -1.26 -9.94 3.25
CA ALA A 375 -1.51 -8.57 2.86
C ALA A 375 -2.57 -8.55 1.76
N ASP A 376 -3.53 -7.63 1.88
CA ASP A 376 -4.59 -7.49 0.91
C ASP A 376 -4.08 -6.68 -0.27
N PHE A 377 -3.24 -5.68 0.02
CA PHE A 377 -2.64 -4.89 -1.03
C PHE A 377 -1.27 -4.40 -0.63
N ILE A 378 -0.55 -3.87 -1.62
CA ILE A 378 0.83 -3.43 -1.44
C ILE A 378 1.04 -1.97 -1.79
N MET A 379 1.81 -1.28 -0.96
CA MET A 379 2.14 0.12 -1.21
C MET A 379 3.60 0.14 -1.65
N LEU A 380 3.89 0.85 -2.73
CA LEU A 380 5.27 0.92 -3.22
C LEU A 380 5.67 2.33 -3.60
N GLY A 381 6.94 2.65 -3.37
CA GLY A 381 7.47 3.96 -3.70
C GLY A 381 8.44 3.86 -4.86
N ARG A 382 9.61 3.29 -4.60
CA ARG A 382 10.63 3.12 -5.63
C ARG A 382 10.10 2.53 -6.94
N TYR A 383 9.30 1.48 -6.81
CA TYR A 383 8.72 0.81 -7.98
C TYR A 383 8.03 1.77 -8.94
N PHE A 384 7.21 2.66 -8.40
CA PHE A 384 6.48 3.64 -9.23
C PHE A 384 7.30 4.88 -9.60
N ALA A 385 8.27 5.23 -8.76
CA ALA A 385 9.10 6.40 -9.01
C ALA A 385 9.87 6.28 -10.33
N ARG A 386 10.13 5.04 -10.75
CA ARG A 386 10.85 4.76 -11.99
C ARG A 386 10.06 5.10 -13.24
N PHE A 387 8.75 5.22 -13.11
CA PHE A 387 7.90 5.48 -14.27
C PHE A 387 7.83 6.94 -14.76
N GLU A 388 7.54 7.08 -16.05
CA GLU A 388 7.43 8.38 -16.67
C GLU A 388 6.42 9.26 -15.95
N GLU A 389 5.34 8.64 -15.47
CA GLU A 389 4.30 9.39 -14.78
C GLU A 389 4.64 9.87 -13.37
N SER A 390 5.78 9.48 -12.83
CA SER A 390 6.12 9.97 -11.50
C SER A 390 6.44 11.45 -11.69
N PRO A 391 6.13 12.29 -10.69
CA PRO A 391 6.35 13.74 -10.74
C PRO A 391 7.79 14.23 -10.63
N THR A 392 8.77 13.35 -10.80
CA THR A 392 10.16 13.77 -10.69
C THR A 392 10.82 13.99 -12.03
N ARG A 393 11.92 14.74 -12.02
CA ARG A 393 12.64 15.04 -13.24
C ARG A 393 13.44 13.87 -13.76
N LYS A 394 13.34 13.67 -15.08
CA LYS A 394 14.06 12.59 -15.75
C LYS A 394 15.45 13.15 -16.01
N VAL A 395 16.46 12.47 -15.49
CA VAL A 395 17.83 12.93 -15.65
C VAL A 395 18.72 11.85 -16.25
N THR A 396 19.57 12.25 -17.20
CA THR A 396 20.49 11.32 -17.84
C THR A 396 21.86 11.34 -17.19
N ILE A 397 22.27 10.20 -16.66
CA ILE A 397 23.56 10.06 -16.02
C ILE A 397 24.46 9.15 -16.85
N ASN A 398 25.35 9.76 -17.62
CA ASN A 398 26.29 9.05 -18.50
C ASN A 398 25.69 7.82 -19.19
N GLY A 399 24.79 8.07 -20.15
CA GLY A 399 24.18 6.99 -20.90
C GLY A 399 22.96 6.33 -20.28
N SER A 400 22.67 6.65 -19.02
CA SER A 400 21.53 6.04 -18.35
C SER A 400 20.48 7.05 -17.91
N VAL A 401 19.26 6.87 -18.37
CA VAL A 401 18.17 7.76 -18.01
C VAL A 401 17.66 7.33 -16.64
N MET A 402 17.72 8.26 -15.68
CA MET A 402 17.30 7.99 -14.32
C MET A 402 16.18 8.94 -13.91
N LYS A 403 15.61 8.68 -12.74
CA LYS A 403 14.55 9.52 -12.20
C LYS A 403 14.90 9.76 -10.73
N GLU A 404 14.55 10.93 -10.23
CA GLU A 404 14.83 11.26 -8.84
C GLU A 404 13.89 10.54 -7.91
N TYR A 405 14.39 10.19 -6.74
CA TYR A 405 13.59 9.51 -5.73
C TYR A 405 14.14 9.81 -4.35
N TRP A 406 13.34 10.50 -3.55
CA TRP A 406 13.76 10.85 -2.19
C TRP A 406 12.63 10.51 -1.21
N GLY A 407 13.03 10.13 0.00
CA GLY A 407 12.06 9.79 1.02
C GLY A 407 11.40 11.01 1.63
N GLU A 408 10.28 10.80 2.29
CA GLU A 408 9.55 11.87 2.94
C GLU A 408 10.28 12.33 4.20
N GLY A 409 11.22 11.52 4.66
CA GLY A 409 11.98 11.86 5.84
C GLY A 409 13.26 12.60 5.53
N SER A 410 13.56 12.77 4.23
CA SER A 410 14.77 13.48 3.83
C SER A 410 14.56 14.98 3.95
N SER A 411 15.65 15.70 4.20
CA SER A 411 15.58 17.15 4.33
C SER A 411 15.02 17.77 3.06
N ARG A 412 15.24 17.10 1.93
CA ARG A 412 14.75 17.59 0.64
C ARG A 412 13.23 17.76 0.63
N ALA A 413 12.57 17.25 1.66
CA ALA A 413 11.12 17.35 1.77
C ALA A 413 10.76 17.82 3.19
N ARG A 414 9.53 17.49 3.61
CA ARG A 414 9.03 17.84 4.94
C ARG A 414 9.30 19.27 5.41
N ASN A 415 9.76 20.11 4.49
CA ASN A 415 10.06 21.50 4.81
C ASN A 415 9.27 22.43 3.88
N TRP A 416 7.96 22.25 3.87
CA TRP A 416 7.07 23.05 3.03
C TRP A 416 6.30 24.08 3.87
N GLU A 431 15.76 11.08 8.15
CA GLU A 431 15.21 9.73 8.20
C GLU A 431 15.16 9.10 6.82
N GLY A 432 15.50 9.88 5.80
CA GLY A 432 15.48 9.35 4.45
C GLY A 432 16.66 9.82 3.61
N VAL A 433 16.80 9.22 2.43
CA VAL A 433 17.87 9.55 1.51
C VAL A 433 17.31 10.15 0.22
N ASP A 434 18.20 10.68 -0.61
CA ASP A 434 17.84 11.27 -1.88
C ASP A 434 18.69 10.58 -2.94
N SER A 435 18.04 9.89 -3.87
CA SER A 435 18.77 9.14 -4.89
C SER A 435 18.12 9.12 -6.28
N TYR A 436 18.62 8.20 -7.11
CA TYR A 436 18.13 8.02 -8.47
C TYR A 436 17.74 6.57 -8.73
N VAL A 437 16.67 6.39 -9.50
CA VAL A 437 16.21 5.06 -9.87
C VAL A 437 16.23 4.98 -11.39
N PRO A 438 16.54 3.80 -11.94
CA PRO A 438 16.58 3.65 -13.40
C PRO A 438 15.21 3.85 -14.03
N TYR A 439 15.18 4.60 -15.13
CA TYR A 439 13.94 4.87 -15.86
C TYR A 439 13.37 3.56 -16.38
N ALA A 440 12.08 3.36 -16.20
CA ALA A 440 11.46 2.11 -16.64
C ALA A 440 10.44 2.32 -17.75
N GLY A 441 10.11 3.56 -18.04
CA GLY A 441 9.13 3.83 -19.08
C GLY A 441 7.78 4.12 -18.46
N LYS A 442 6.71 3.83 -19.20
CA LYS A 442 5.36 4.08 -18.69
C LYS A 442 4.88 3.00 -17.71
N LEU A 443 4.09 3.44 -16.74
CA LEU A 443 3.54 2.56 -15.71
C LEU A 443 2.86 1.31 -16.28
N LYS A 444 1.94 1.51 -17.21
CA LYS A 444 1.17 0.42 -17.81
C LYS A 444 1.94 -0.88 -18.12
N ASP A 445 2.88 -0.81 -19.05
CA ASP A 445 3.66 -1.97 -19.46
C ASP A 445 4.38 -2.68 -18.32
N ASN A 446 4.92 -1.89 -17.39
CA ASN A 446 5.65 -2.44 -16.25
C ASN A 446 4.70 -3.13 -15.27
N VAL A 447 3.61 -2.46 -14.95
CA VAL A 447 2.64 -3.03 -14.02
C VAL A 447 2.04 -4.32 -14.59
N GLU A 448 1.71 -4.32 -15.88
CA GLU A 448 1.12 -5.50 -16.48
C GLU A 448 2.12 -6.66 -16.53
N ALA A 449 3.39 -6.34 -16.70
CA ALA A 449 4.41 -7.38 -16.73
C ALA A 449 4.59 -7.96 -15.33
N SER A 450 4.66 -7.08 -14.32
CA SER A 450 4.79 -7.51 -12.94
C SER A 450 3.63 -8.40 -12.51
N LEU A 451 2.41 -7.95 -12.82
CA LEU A 451 1.21 -8.69 -12.45
C LEU A 451 1.02 -9.99 -13.23
N ASN A 452 1.55 -10.06 -14.45
CA ASN A 452 1.45 -11.29 -15.22
C ASN A 452 2.31 -12.34 -14.51
N LYS A 453 3.41 -11.88 -13.92
CA LYS A 453 4.30 -12.78 -13.21
C LYS A 453 3.62 -13.28 -11.94
N VAL A 454 2.96 -12.36 -11.24
CA VAL A 454 2.25 -12.69 -10.01
C VAL A 454 1.14 -13.70 -10.32
N LYS A 455 0.38 -13.43 -11.38
CA LYS A 455 -0.71 -14.32 -11.79
C LYS A 455 -0.16 -15.71 -12.12
N SER A 456 0.96 -15.73 -12.84
CA SER A 456 1.58 -16.98 -13.22
C SER A 456 1.97 -17.78 -11.97
N THR A 457 2.62 -17.11 -11.03
CA THR A 457 3.04 -17.75 -9.80
C THR A 457 1.82 -18.22 -8.99
N MET A 458 0.77 -17.42 -8.97
CA MET A 458 -0.43 -17.80 -8.24
C MET A 458 -0.97 -19.12 -8.78
N CYS A 459 -0.93 -19.30 -10.09
CA CYS A 459 -1.40 -20.53 -10.68
C CYS A 459 -0.51 -21.72 -10.28
N ASN A 460 0.79 -21.47 -10.12
CA ASN A 460 1.71 -22.53 -9.69
C ASN A 460 1.29 -22.96 -8.29
N CYS A 461 0.73 -22.02 -7.53
CA CYS A 461 0.30 -22.29 -6.17
C CYS A 461 -1.15 -22.75 -6.11
N GLY A 462 -1.78 -22.89 -7.28
CA GLY A 462 -3.16 -23.32 -7.35
C GLY A 462 -4.18 -22.28 -6.92
N ALA A 463 -3.88 -21.00 -7.12
CA ALA A 463 -4.80 -19.95 -6.70
C ALA A 463 -5.27 -19.08 -7.86
N LEU A 464 -6.58 -18.84 -7.91
CA LEU A 464 -7.17 -18.01 -8.95
C LEU A 464 -7.51 -16.62 -8.39
N THR A 465 -7.38 -16.48 -7.07
CA THR A 465 -7.67 -15.20 -6.42
C THR A 465 -6.71 -14.99 -5.28
N ILE A 466 -6.64 -13.76 -4.78
CA ILE A 466 -5.76 -13.46 -3.68
C ILE A 466 -6.19 -14.20 -2.41
N PRO A 467 -7.50 -14.21 -2.10
CA PRO A 467 -7.90 -14.93 -0.88
C PRO A 467 -7.54 -16.41 -1.01
N GLN A 468 -7.70 -16.97 -2.20
CA GLN A 468 -7.36 -18.38 -2.37
C GLN A 468 -5.86 -18.59 -2.21
N LEU A 469 -5.06 -17.61 -2.63
CA LEU A 469 -3.61 -17.69 -2.50
C LEU A 469 -3.23 -17.67 -1.01
N GLN A 470 -3.85 -16.76 -0.27
CA GLN A 470 -3.59 -16.61 1.16
C GLN A 470 -3.95 -17.88 1.92
N SER A 471 -4.89 -18.63 1.37
CA SER A 471 -5.33 -19.86 2.00
C SER A 471 -4.46 -21.07 1.63
N LYS A 472 -4.08 -21.17 0.35
CA LYS A 472 -3.31 -22.31 -0.14
C LYS A 472 -1.78 -22.21 -0.21
N ALA A 473 -1.25 -21.00 -0.12
CA ALA A 473 0.20 -20.81 -0.23
C ALA A 473 1.04 -21.61 0.77
N LYS A 474 2.12 -22.16 0.26
CA LYS A 474 3.07 -22.94 1.05
C LYS A 474 4.33 -22.08 1.01
N ILE A 475 4.71 -21.54 2.15
CA ILE A 475 5.83 -20.62 2.23
C ILE A 475 6.97 -21.12 3.10
N THR A 476 8.14 -21.26 2.50
CA THR A 476 9.29 -21.73 3.26
C THR A 476 10.35 -20.66 3.41
N LEU A 477 11.02 -20.70 4.54
CA LEU A 477 12.11 -19.79 4.82
C LEU A 477 13.29 -20.45 4.11
N VAL A 478 14.28 -19.65 3.71
CA VAL A 478 15.45 -20.15 3.02
C VAL A 478 16.67 -19.87 3.91
N SER A 479 17.65 -20.77 3.88
CA SER A 479 18.85 -20.61 4.71
C SER A 479 19.70 -19.40 4.31
N SER A 480 20.44 -18.86 5.28
CA SER A 480 21.32 -17.71 5.04
C SER A 480 22.26 -17.97 3.88
N VAL A 481 22.88 -19.16 3.87
CA VAL A 481 23.82 -19.55 2.83
C VAL A 481 23.20 -19.64 1.43
N SER A 482 21.95 -20.09 1.35
CA SER A 482 21.29 -20.20 0.06
C SER A 482 21.20 -18.83 -0.63
N ILE A 483 21.26 -17.77 0.17
CA ILE A 483 21.15 -16.42 -0.37
C ILE A 483 22.53 -15.79 -0.60
#